data_3IUZ
#
_entry.id   3IUZ
#
_cell.length_a   114.069
_cell.length_b   114.069
_cell.length_c   133.518
_cell.angle_alpha   90.000
_cell.angle_beta   90.000
_cell.angle_gamma   90.000
#
_symmetry.space_group_name_H-M   'I 4 2 2'
#
loop_
_entity.id
_entity.type
_entity.pdbx_description
1 polymer 'Putative glyoxalase superfamily protein'
2 non-polymer 'HEXAETHYLENE GLYCOL'
3 non-polymer 'TRIETHYLENE GLYCOL'
4 water water
#
_entity_poly.entity_id   1
_entity_poly.type   'polypeptide(L)'
_entity_poly.pdbx_seq_one_letter_code
;G(MSE)HPNIATLLSANLGESRTRHLLSLVSVPDGLPSDAEGRATRAEIAQALN(MSE)VLFAGILDRVPTGRAYTDDVA
ATGG(MLY)VVFDHGALRTV(MLY)WRDNGALPEGEAAFTRILRPLGYRLNGNYPLDRIS(MSE)TGRSYAHADAPEGIA
QFFVSEFHPERFSDAFREAVGRVTGNSADPLTPRAQTLLWQLDRDGVLTVADGAELIGLLVPCFERQHGVPRLADYETLL
RESAE(MSE)AWIATEGNAFNHATDRVDDVFGLSEQQ(MLY)ALGRP(MSE)(MLY)D(MLY)VEVSGSGRV(MLY)QTA
FRADTVRRQFIGAQGETVERDVPGSFYEFITRDRFADAPAASPRVDLGFDAGNAQGIF(MLY)(MSE)TAAV
;
_entity_poly.pdbx_strand_id   A
#
loop_
_chem_comp.id
_chem_comp.type
_chem_comp.name
_chem_comp.formula
P6G non-polymer 'HEXAETHYLENE GLYCOL' 'C12 H26 O7'
PGE non-polymer 'TRIETHYLENE GLYCOL' 'C6 H14 O4'
#
# COMPACT_ATOMS: atom_id res chain seq x y z
N GLY A 1 -11.33 14.27 -18.95
CA GLY A 1 -10.64 14.09 -17.64
C GLY A 1 -11.56 14.32 -16.45
N MSE A 2 -12.78 13.78 -16.52
CA MSE A 2 -13.68 13.74 -15.39
C MSE A 2 -14.31 12.36 -15.28
O MSE A 2 -14.51 11.68 -16.27
CB MSE A 2 -14.78 14.77 -15.49
CG MSE A 2 -15.71 14.56 -16.62
SE MSE A 2 -16.58 16.26 -16.94
CE MSE A 2 -17.46 16.51 -15.19
N HIS A 3 -14.58 11.96 -14.05
CA HIS A 3 -15.00 10.61 -13.73
C HIS A 3 -16.01 10.66 -12.60
N PRO A 4 -17.29 10.90 -12.94
CA PRO A 4 -18.28 11.17 -11.90
C PRO A 4 -18.44 10.03 -10.90
N ASN A 5 -18.45 8.78 -11.36
CA ASN A 5 -18.61 7.68 -10.41
C ASN A 5 -17.46 7.63 -9.42
N ILE A 6 -16.23 7.72 -9.91
CA ILE A 6 -15.04 7.70 -9.03
C ILE A 6 -15.07 8.93 -8.10
N ALA A 7 -15.46 10.07 -8.64
CA ALA A 7 -15.50 11.28 -7.85
C ALA A 7 -16.49 11.11 -6.69
N THR A 8 -17.65 10.55 -6.96
CA THR A 8 -18.67 10.33 -5.92
C THR A 8 -18.19 9.35 -4.85
N LEU A 9 -17.57 8.25 -5.28
CA LEU A 9 -16.99 7.30 -4.35
C LEU A 9 -15.92 7.95 -3.45
N LEU A 10 -15.08 8.79 -4.03
CA LEU A 10 -14.04 9.53 -3.30
C LEU A 10 -14.65 10.51 -2.31
N SER A 11 -15.61 11.27 -2.79
CA SER A 11 -16.22 12.35 -2.03
C SER A 11 -16.90 11.85 -0.76
N ALA A 12 -17.54 10.68 -0.84
CA ALA A 12 -18.21 10.06 0.31
C ALA A 12 -17.16 9.62 1.35
N ASN A 13 -15.93 9.38 0.93
CA ASN A 13 -14.91 9.01 1.86
C ASN A 13 -13.94 10.13 2.28
N LEU A 14 -13.70 11.12 1.42
CA LEU A 14 -12.68 12.11 1.65
C LEU A 14 -13.25 13.51 1.83
N GLY A 15 -14.51 13.71 1.49
CA GLY A 15 -15.09 15.05 1.43
C GLY A 15 -14.74 15.80 0.15
N GLU A 16 -15.43 16.90 -0.10
CA GLU A 16 -15.31 17.57 -1.42
C GLU A 16 -13.95 18.13 -1.70
N SER A 17 -13.36 18.79 -0.71
CA SER A 17 -12.15 19.52 -0.94
C SER A 17 -10.96 18.59 -1.24
N ARG A 18 -10.80 17.58 -0.41
CA ARG A 18 -9.73 16.61 -0.54
C ARG A 18 -9.93 15.84 -1.87
N THR A 19 -11.18 15.57 -2.24
CA THR A 19 -11.48 14.88 -3.51
C THR A 19 -11.11 15.70 -4.70
N ARG A 20 -11.48 16.98 -4.66
CA ARG A 20 -11.07 17.91 -5.70
C ARG A 20 -9.57 17.89 -5.91
N HIS A 21 -8.79 17.97 -4.84
CA HIS A 21 -7.32 17.96 -4.98
C HIS A 21 -6.85 16.63 -5.58
N LEU A 22 -7.39 15.54 -5.04
CA LEU A 22 -6.99 14.23 -5.48
C LEU A 22 -7.30 14.01 -6.98
N LEU A 23 -8.46 14.49 -7.44
CA LEU A 23 -8.86 14.26 -8.83
C LEU A 23 -8.02 15.14 -9.75
N SER A 24 -7.56 16.30 -9.28
CA SER A 24 -6.71 17.07 -10.15
C SER A 24 -5.28 16.51 -10.17
N LEU A 25 -4.90 15.73 -9.16
CA LEU A 25 -3.53 15.25 -9.03
C LEU A 25 -3.30 13.87 -9.71
N VAL A 26 -4.17 12.92 -9.40
CA VAL A 26 -3.97 11.52 -9.73
C VAL A 26 -4.80 11.12 -10.96
N SER A 27 -4.13 10.68 -12.03
CA SER A 27 -4.84 10.26 -13.24
C SER A 27 -5.72 9.09 -12.98
N VAL A 28 -6.90 9.13 -13.59
CA VAL A 28 -7.77 7.99 -13.60
C VAL A 28 -7.55 7.31 -14.93
N PRO A 29 -7.28 6.02 -14.91
CA PRO A 29 -7.11 5.35 -16.20
C PRO A 29 -8.36 5.40 -17.07
N ASP A 30 -8.16 5.48 -18.38
CA ASP A 30 -9.24 5.52 -19.33
C ASP A 30 -9.73 4.12 -19.57
N GLY A 31 -10.98 3.99 -19.97
CA GLY A 31 -11.46 2.67 -20.32
C GLY A 31 -11.95 1.75 -19.20
N LEU A 32 -12.17 2.24 -18.00
CA LEU A 32 -12.69 1.33 -16.97
C LEU A 32 -14.14 0.95 -17.33
N PRO A 33 -14.51 -0.33 -17.18
CA PRO A 33 -15.89 -0.73 -17.30
C PRO A 33 -16.87 0.19 -16.53
N SER A 34 -18.03 0.41 -17.14
CA SER A 34 -19.11 1.24 -16.60
C SER A 34 -20.41 0.45 -16.57
N ASP A 35 -21.36 0.87 -15.75
CA ASP A 35 -22.66 0.24 -15.72
C ASP A 35 -23.73 1.17 -16.30
N ALA A 36 -24.70 0.60 -17.07
CA ALA A 36 -25.73 1.38 -17.80
C ALA A 36 -26.68 2.17 -16.86
N GLU A 37 -26.83 1.64 -15.64
CA GLU A 37 -27.73 2.23 -14.66
C GLU A 37 -27.01 3.20 -13.69
N GLY A 38 -25.74 3.46 -13.98
CA GLY A 38 -25.02 4.43 -13.18
C GLY A 38 -24.41 3.87 -11.91
N ARG A 39 -24.64 2.58 -11.64
CA ARG A 39 -23.97 1.88 -10.54
C ARG A 39 -22.45 1.90 -10.65
N ALA A 40 -21.78 1.51 -9.57
CA ALA A 40 -20.34 1.48 -9.54
C ALA A 40 -19.84 0.08 -9.85
N THR A 41 -19.02 0.00 -10.89
CA THR A 41 -18.43 -1.28 -11.23
C THR A 41 -17.26 -1.65 -10.28
N ARG A 42 -16.84 -2.91 -10.30
CA ARG A 42 -15.71 -3.31 -9.48
C ARG A 42 -14.44 -2.57 -9.83
N ALA A 43 -14.22 -2.32 -11.13
CA ALA A 43 -13.07 -1.51 -11.58
C ALA A 43 -13.10 -0.09 -10.99
N GLU A 44 -14.23 0.59 -11.12
CA GLU A 44 -14.38 1.90 -10.52
C GLU A 44 -14.12 1.88 -8.99
N ILE A 45 -14.67 0.87 -8.31
CA ILE A 45 -14.51 0.79 -6.88
C ILE A 45 -13.05 0.55 -6.54
N ALA A 46 -12.41 -0.35 -7.30
CA ALA A 46 -11.01 -0.67 -7.03
C ALA A 46 -10.11 0.55 -7.20
N GLN A 47 -10.35 1.29 -8.27
CA GLN A 47 -9.62 2.52 -8.56
C GLN A 47 -9.86 3.59 -7.47
N ALA A 48 -11.13 3.75 -7.05
CA ALA A 48 -11.46 4.74 -5.98
C ALA A 48 -10.83 4.32 -4.68
N LEU A 49 -10.93 3.05 -4.32
CA LEU A 49 -10.25 2.58 -3.07
C LEU A 49 -8.76 2.96 -3.11
N ASN A 50 -8.11 2.67 -4.23
CA ASN A 50 -6.70 2.93 -4.38
C ASN A 50 -6.36 4.39 -4.17
N MSE A 51 -7.20 5.26 -4.70
CA MSE A 51 -6.99 6.66 -4.59
C MSE A 51 -7.15 7.14 -3.12
O MSE A 51 -6.45 8.06 -2.70
CB MSE A 51 -7.93 7.40 -5.57
CG MSE A 51 -7.55 7.18 -7.10
SE MSE A 51 -8.84 7.94 -8.23
CE MSE A 51 -8.22 9.77 -8.31
N VAL A 52 -8.11 6.54 -2.40
CA VAL A 52 -8.34 6.89 -1.01
C VAL A 52 -7.12 6.46 -0.22
N LEU A 53 -6.57 5.28 -0.57
CA LEU A 53 -5.42 4.74 0.14
C LEU A 53 -4.15 5.58 -0.15
N PHE A 54 -4.00 5.99 -1.40
CA PHE A 54 -2.98 6.92 -1.82
C PHE A 54 -3.06 8.25 -1.04
N ALA A 55 -4.25 8.83 -0.92
CA ALA A 55 -4.40 10.02 -0.11
C ALA A 55 -3.96 9.81 1.33
N GLY A 56 -4.23 8.62 1.86
CA GLY A 56 -3.80 8.20 3.19
C GLY A 56 -2.28 8.11 3.29
N ILE A 57 -1.61 7.65 2.24
CA ILE A 57 -0.13 7.67 2.21
CA ILE A 57 -0.15 7.64 2.21
C ILE A 57 0.39 9.08 2.27
N LEU A 58 -0.17 9.97 1.45
CA LEU A 58 0.24 11.36 1.43
C LEU A 58 0.09 12.02 2.82
N ASP A 59 -0.95 11.64 3.57
CA ASP A 59 -1.16 12.20 4.90
C ASP A 59 0.00 11.85 5.85
N ARG A 60 0.73 10.77 5.61
CA ARG A 60 1.79 10.41 6.54
C ARG A 60 3.19 10.26 5.91
N VAL A 61 3.29 10.70 4.67
CA VAL A 61 4.56 10.70 3.93
C VAL A 61 4.76 12.14 3.39
N PRO A 62 5.23 13.06 4.29
CA PRO A 62 5.38 14.44 3.95
C PRO A 62 6.27 14.74 2.74
N THR A 63 7.27 13.92 2.45
CA THR A 63 8.09 14.14 1.26
C THR A 63 7.28 13.88 0.00
N GLY A 64 6.39 12.88 0.07
CA GLY A 64 5.42 12.64 -0.99
C GLY A 64 4.48 13.79 -1.18
N ARG A 65 3.94 14.32 -0.07
CA ARG A 65 3.06 15.46 -0.13
C ARG A 65 3.74 16.67 -0.80
N ALA A 66 5.02 16.91 -0.49
CA ALA A 66 5.80 17.98 -1.11
C ALA A 66 5.91 17.86 -2.62
N TYR A 67 6.33 16.67 -3.04
CA TYR A 67 6.41 16.33 -4.44
C TYR A 67 5.05 16.53 -5.14
N THR A 68 4.01 15.93 -4.58
CA THR A 68 2.73 15.98 -5.27
C THR A 68 2.12 17.38 -5.22
N ASP A 69 2.38 18.16 -4.14
CA ASP A 69 1.98 19.59 -4.15
C ASP A 69 2.59 20.36 -5.35
N ASP A 70 3.87 20.10 -5.66
CA ASP A 70 4.48 20.71 -6.84
C ASP A 70 3.80 20.22 -8.13
N VAL A 71 3.47 18.94 -8.18
CA VAL A 71 2.80 18.40 -9.39
C VAL A 71 1.48 19.16 -9.63
N ALA A 72 0.64 19.24 -8.59
CA ALA A 72 -0.60 19.95 -8.70
C ALA A 72 -0.37 21.40 -9.09
N ALA A 73 0.61 22.05 -8.45
CA ALA A 73 0.89 23.44 -8.70
C ALA A 73 1.27 23.67 -10.14
N THR A 74 1.96 22.71 -10.76
CA THR A 74 2.49 22.92 -12.09
C THR A 74 1.67 22.19 -13.15
N GLY A 75 0.50 21.68 -12.77
CA GLY A 75 -0.38 21.03 -13.70
C GLY A 75 0.03 19.66 -14.20
N GLY A 76 0.94 18.95 -13.52
CA GLY A 76 1.27 17.59 -13.91
C GLY A 76 0.27 16.57 -13.32
N MLY A 77 0.67 15.30 -13.37
CA MLY A 77 -0.15 14.20 -12.91
CB MLY A 77 -0.90 13.56 -14.08
CG MLY A 77 -1.93 14.47 -14.73
CD MLY A 77 -3.26 14.42 -13.98
CE MLY A 77 -4.01 15.73 -14.18
NZ MLY A 77 -5.46 15.58 -14.14
CH1 MLY A 77 -5.88 14.51 -13.21
CH2 MLY A 77 -6.08 16.87 -13.80
C MLY A 77 0.65 13.13 -12.25
O MLY A 77 1.79 12.94 -12.60
N VAL A 78 0.03 12.47 -11.30
CA VAL A 78 0.57 11.27 -10.69
C VAL A 78 -0.12 10.10 -11.41
N VAL A 79 0.65 9.10 -11.80
CA VAL A 79 0.08 7.81 -12.22
C VAL A 79 0.37 6.82 -11.14
N PHE A 80 -0.69 6.44 -10.37
CA PHE A 80 -0.51 5.54 -9.26
C PHE A 80 -0.22 4.13 -9.79
N ASP A 81 1.03 3.73 -9.66
CA ASP A 81 1.52 2.49 -10.20
C ASP A 81 1.23 1.29 -9.31
N HIS A 82 1.61 1.37 -8.05
CA HIS A 82 1.32 0.31 -7.10
C HIS A 82 1.52 0.81 -5.67
N GLY A 83 0.74 0.25 -4.73
CA GLY A 83 1.02 0.34 -3.29
C GLY A 83 1.59 -1.00 -2.81
N ALA A 84 2.53 -0.95 -1.87
CA ALA A 84 3.17 -2.16 -1.36
C ALA A 84 2.85 -2.25 0.11
N LEU A 85 2.42 -3.42 0.57
CA LEU A 85 2.21 -3.65 1.97
C LEU A 85 2.78 -4.96 2.45
N ARG A 86 2.89 -5.05 3.76
CA ARG A 86 3.53 -6.19 4.37
C ARG A 86 2.55 -6.87 5.30
N THR A 87 2.77 -8.18 5.43
CA THR A 87 2.01 -9.04 6.31
C THR A 87 2.97 -10.00 6.97
N VAL A 88 2.50 -10.63 8.05
CA VAL A 88 3.29 -11.64 8.79
C VAL A 88 2.71 -13.03 8.60
N MLY A 89 3.49 -13.93 8.00
CA MLY A 89 3.05 -15.34 7.82
CB MLY A 89 3.58 -15.95 6.52
CG MLY A 89 2.98 -17.35 6.24
CD MLY A 89 3.49 -17.87 4.85
CE MLY A 89 2.91 -19.23 4.47
NZ MLY A 89 3.21 -20.34 5.39
CH1 MLY A 89 2.66 -21.58 4.78
CH2 MLY A 89 4.66 -20.45 5.71
C MLY A 89 3.47 -16.19 9.02
O MLY A 89 4.58 -16.75 9.05
N TRP A 90 2.58 -16.25 10.00
CA TRP A 90 2.86 -16.84 11.29
C TRP A 90 1.53 -17.23 11.94
N ARG A 91 1.49 -18.40 12.54
CA ARG A 91 0.22 -18.92 13.04
C ARG A 91 -0.31 -18.13 14.25
N ASP A 92 0.58 -17.51 15.00
CA ASP A 92 0.17 -16.73 16.16
C ASP A 92 -0.16 -15.31 15.74
N ASN A 93 -1.29 -15.15 15.06
CA ASN A 93 -1.64 -13.89 14.36
C ASN A 93 -2.96 -13.35 14.86
N GLY A 94 -3.39 -13.78 16.05
CA GLY A 94 -4.64 -13.29 16.61
C GLY A 94 -5.83 -13.65 15.74
N ALA A 95 -6.70 -12.71 15.45
CA ALA A 95 -7.86 -12.93 14.60
C ALA A 95 -7.62 -12.71 13.11
N LEU A 96 -6.37 -12.38 12.74
CA LEU A 96 -5.99 -11.99 11.39
C LEU A 96 -5.48 -13.19 10.63
N PRO A 97 -6.08 -13.48 9.45
CA PRO A 97 -5.52 -14.55 8.63
C PRO A 97 -4.01 -14.32 8.41
N GLU A 98 -3.30 -15.42 8.20
CA GLU A 98 -1.88 -15.42 8.16
C GLU A 98 -1.37 -14.88 6.84
N GLY A 99 -0.29 -14.12 6.89
CA GLY A 99 0.34 -13.60 5.70
C GLY A 99 -0.60 -12.91 4.73
N GLU A 100 -0.40 -13.17 3.46
CA GLU A 100 -1.13 -12.41 2.42
C GLU A 100 -2.64 -12.72 2.37
N ALA A 101 -3.06 -13.84 2.94
CA ALA A 101 -4.48 -14.21 2.96
C ALA A 101 -5.31 -13.10 3.58
N ALA A 102 -4.71 -12.28 4.41
CA ALA A 102 -5.47 -11.19 5.04
C ALA A 102 -5.93 -10.20 4.00
N PHE A 103 -5.18 -10.10 2.90
CA PHE A 103 -5.51 -9.21 1.80
C PHE A 103 -6.00 -9.88 0.50
N THR A 104 -5.56 -11.08 0.17
CA THR A 104 -6.10 -11.69 -1.05
C THR A 104 -7.64 -11.92 -0.95
N ARG A 105 -8.14 -12.22 0.24
CA ARG A 105 -9.56 -12.31 0.53
C ARG A 105 -10.33 -11.00 0.26
N ILE A 106 -9.61 -9.88 0.12
CA ILE A 106 -10.15 -8.59 -0.24
C ILE A 106 -9.88 -8.31 -1.73
N LEU A 107 -8.63 -8.45 -2.17
CA LEU A 107 -8.28 -8.03 -3.51
C LEU A 107 -8.94 -8.91 -4.58
N ARG A 108 -9.09 -10.20 -4.28
CA ARG A 108 -9.61 -11.16 -5.27
C ARG A 108 -11.06 -10.80 -5.62
N PRO A 109 -11.96 -10.64 -4.64
CA PRO A 109 -13.31 -10.24 -5.02
C PRO A 109 -13.42 -8.81 -5.60
N LEU A 110 -12.48 -7.93 -5.29
CA LEU A 110 -12.39 -6.63 -6.00
C LEU A 110 -12.04 -6.73 -7.48
N GLY A 111 -11.49 -7.87 -7.91
CA GLY A 111 -11.17 -8.09 -9.30
C GLY A 111 -9.67 -8.26 -9.59
N TYR A 112 -8.83 -8.31 -8.57
CA TYR A 112 -7.39 -8.55 -8.78
C TYR A 112 -7.08 -10.05 -8.99
N ARG A 113 -5.96 -10.29 -9.69
CA ARG A 113 -5.40 -11.60 -9.90
C ARG A 113 -3.92 -11.54 -9.63
N LEU A 114 -3.37 -12.61 -9.12
CA LEU A 114 -1.93 -12.76 -8.96
C LEU A 114 -1.25 -12.47 -10.28
N ASN A 115 -0.27 -11.60 -10.26
CA ASN A 115 0.45 -11.27 -11.48
C ASN A 115 1.96 -11.59 -11.44
N GLY A 116 2.49 -12.02 -10.31
CA GLY A 116 3.93 -12.25 -10.21
C GLY A 116 4.29 -12.75 -8.81
N ASN A 117 5.30 -13.60 -8.79
CA ASN A 117 5.82 -14.18 -7.55
CA ASN A 117 5.83 -14.20 -7.57
C ASN A 117 7.28 -13.79 -7.44
N TYR A 118 7.63 -13.12 -6.35
CA TYR A 118 8.96 -12.58 -6.17
C TYR A 118 9.55 -12.96 -4.82
N PRO A 119 10.33 -14.03 -4.74
CA PRO A 119 11.00 -14.40 -3.47
C PRO A 119 12.01 -13.33 -3.08
N LEU A 120 12.09 -13.01 -1.79
CA LEU A 120 12.92 -11.94 -1.27
C LEU A 120 13.70 -12.57 -0.11
N ASP A 121 14.43 -13.61 -0.44
CA ASP A 121 15.05 -14.48 0.54
C ASP A 121 16.03 -13.75 1.45
N ARG A 122 16.68 -12.74 0.89
CA ARG A 122 17.70 -11.99 1.63
C ARG A 122 17.07 -11.34 2.85
N ILE A 123 15.81 -10.94 2.74
CA ILE A 123 15.16 -10.29 3.85
C ILE A 123 14.07 -11.17 4.48
N SER A 124 14.09 -12.47 4.18
CA SER A 124 13.13 -13.42 4.72
C SER A 124 11.66 -13.08 4.43
N MSE A 125 11.42 -12.62 3.21
CA MSE A 125 10.06 -12.36 2.74
C MSE A 125 9.78 -12.96 1.36
O MSE A 125 10.69 -13.30 0.60
CB MSE A 125 9.79 -10.86 2.69
CG MSE A 125 10.14 -10.08 3.97
SE MSE A 125 9.10 -8.43 4.06
CE MSE A 125 9.68 -7.45 2.57
N THR A 126 8.50 -13.14 1.10
CA THR A 126 7.99 -13.46 -0.24
C THR A 126 7.08 -12.34 -0.69
N GLY A 127 7.37 -11.83 -1.87
CA GLY A 127 6.52 -10.80 -2.44
C GLY A 127 5.71 -11.31 -3.61
N ARG A 128 4.49 -10.79 -3.74
CA ARG A 128 3.59 -11.17 -4.84
C ARG A 128 2.90 -9.92 -5.35
N SER A 129 2.74 -9.81 -6.65
CA SER A 129 2.00 -8.68 -7.21
C SER A 129 0.61 -9.12 -7.67
N TYR A 130 -0.32 -8.19 -7.54
CA TYR A 130 -1.75 -8.33 -7.90
C TYR A 130 -2.14 -7.22 -8.87
N ALA A 131 -2.64 -7.62 -10.04
CA ALA A 131 -3.10 -6.67 -11.05
C ALA A 131 -4.56 -6.85 -11.28
N HIS A 132 -5.22 -5.75 -11.59
CA HIS A 132 -6.66 -5.77 -11.78
C HIS A 132 -7.05 -6.32 -13.14
N ALA A 133 -7.93 -7.31 -13.14
CA ALA A 133 -8.32 -8.03 -14.38
C ALA A 133 -8.97 -7.08 -15.39
N ASP A 134 -9.59 -5.99 -14.95
CA ASP A 134 -10.34 -5.13 -15.87
C ASP A 134 -9.50 -4.02 -16.49
N ALA A 135 -8.33 -3.75 -15.93
CA ALA A 135 -7.47 -2.66 -16.42
C ALA A 135 -6.09 -2.85 -15.79
N PRO A 136 -5.39 -3.95 -16.16
CA PRO A 136 -4.18 -4.37 -15.44
C PRO A 136 -3.04 -3.35 -15.50
N GLU A 137 -2.98 -2.61 -16.60
CA GLU A 137 -1.98 -1.56 -16.78
C GLU A 137 -2.38 -0.22 -16.24
N GLY A 138 -3.67 0.01 -15.99
CA GLY A 138 -4.13 1.32 -15.56
C GLY A 138 -4.44 1.45 -14.09
N ILE A 139 -5.11 0.45 -13.51
CA ILE A 139 -5.43 0.45 -12.09
C ILE A 139 -4.15 0.08 -11.35
N ALA A 140 -3.83 0.73 -10.25
CA ALA A 140 -2.61 0.41 -9.51
C ALA A 140 -2.58 -1.04 -9.13
N GLN A 141 -1.38 -1.63 -9.14
CA GLN A 141 -1.19 -2.97 -8.65
C GLN A 141 -1.05 -2.91 -7.14
N PHE A 142 -1.22 -4.06 -6.49
CA PHE A 142 -0.88 -4.24 -5.09
C PHE A 142 0.32 -5.16 -5.04
N PHE A 143 1.32 -4.78 -4.24
CA PHE A 143 2.45 -5.66 -4.01
C PHE A 143 2.33 -6.07 -2.54
N VAL A 144 2.11 -7.36 -2.29
CA VAL A 144 1.89 -7.83 -0.94
C VAL A 144 3.00 -8.76 -0.58
N SER A 145 3.69 -8.41 0.47
CA SER A 145 4.77 -9.22 1.00
C SER A 145 4.39 -9.91 2.28
N GLU A 146 4.98 -11.09 2.46
CA GLU A 146 4.86 -11.88 3.65
C GLU A 146 6.21 -12.02 4.33
N PHE A 147 6.25 -11.68 5.60
CA PHE A 147 7.44 -11.94 6.43
C PHE A 147 7.43 -13.37 7.04
N HIS A 148 8.59 -14.02 7.00
CA HIS A 148 8.82 -15.40 7.43
C HIS A 148 9.73 -15.47 8.67
N PRO A 149 9.13 -15.70 9.85
CA PRO A 149 9.94 -15.74 11.10
C PRO A 149 10.72 -17.01 11.34
N GLU A 150 10.46 -18.06 10.56
CA GLU A 150 10.94 -19.44 10.88
C GLU A 150 12.41 -19.54 11.21
N ARG A 151 13.24 -18.86 10.42
CA ARG A 151 14.67 -19.08 10.54
C ARG A 151 15.33 -18.23 11.60
N PHE A 152 14.58 -17.40 12.29
CA PHE A 152 15.17 -16.45 13.22
C PHE A 152 15.32 -17.07 14.62
N SER A 153 15.92 -16.33 15.53
CA SER A 153 16.16 -16.85 16.87
C SER A 153 14.89 -17.20 17.64
N ASP A 154 15.07 -17.99 18.70
CA ASP A 154 13.98 -18.30 19.58
C ASP A 154 13.40 -17.03 20.12
N ALA A 155 14.28 -16.14 20.55
CA ALA A 155 13.83 -14.91 21.19
C ALA A 155 13.00 -14.08 20.20
N PHE A 156 13.48 -14.04 18.98
CA PHE A 156 12.80 -13.30 17.91
C PHE A 156 11.42 -13.88 17.62
N ARG A 157 11.33 -15.19 17.47
CA ARG A 157 10.04 -15.80 17.16
C ARG A 157 9.01 -15.62 18.28
N GLU A 158 9.46 -15.65 19.54
CA GLU A 158 8.59 -15.31 20.67
C GLU A 158 8.15 -13.86 20.64
N ALA A 159 9.07 -12.98 20.25
CA ALA A 159 8.74 -11.57 20.11
C ALA A 159 7.67 -11.36 19.03
N VAL A 160 7.85 -12.03 17.88
CA VAL A 160 6.84 -11.93 16.83
C VAL A 160 5.44 -12.25 17.37
N GLY A 161 5.29 -13.38 18.05
CA GLY A 161 3.99 -13.78 18.53
C GLY A 161 3.41 -12.84 19.56
N ARG A 162 4.24 -12.30 20.45
CA ARG A 162 3.72 -11.31 21.37
C ARG A 162 3.20 -10.07 20.63
N VAL A 163 3.84 -9.69 19.53
CA VAL A 163 3.45 -8.49 18.82
C VAL A 163 2.18 -8.75 18.01
N THR A 164 2.15 -9.86 17.27
CA THR A 164 1.05 -10.15 16.35
C THR A 164 -0.12 -10.97 16.94
N GLY A 165 0.09 -11.65 18.07
CA GLY A 165 -0.86 -12.64 18.54
C GLY A 165 -2.16 -12.07 19.10
N ASN A 166 -2.24 -10.75 19.17
CA ASN A 166 -3.47 -10.08 19.61
CA ASN A 166 -3.45 -10.06 19.61
C ASN A 166 -4.17 -9.36 18.47
N SER A 167 -3.73 -9.55 17.24
CA SER A 167 -4.27 -8.78 16.14
C SER A 167 -5.78 -8.88 16.01
N ALA A 168 -6.38 -7.76 15.65
CA ALA A 168 -7.82 -7.75 15.29
C ALA A 168 -7.96 -8.17 13.84
N ASP A 169 -9.17 -8.64 13.49
CA ASP A 169 -9.56 -8.77 12.08
C ASP A 169 -10.39 -7.57 11.68
N PRO A 170 -9.80 -6.68 10.85
CA PRO A 170 -10.54 -5.48 10.45
C PRO A 170 -11.63 -5.67 9.40
N LEU A 171 -11.70 -6.83 8.77
CA LEU A 171 -12.66 -7.05 7.67
C LEU A 171 -14.02 -7.49 8.23
N THR A 172 -14.91 -6.53 8.38
CA THR A 172 -16.14 -6.71 9.12
C THR A 172 -17.15 -7.56 8.29
N PRO A 173 -18.22 -8.01 8.94
CA PRO A 173 -19.23 -8.79 8.20
C PRO A 173 -19.91 -8.00 7.10
N ARG A 174 -20.15 -6.73 7.36
CA ARG A 174 -20.75 -5.87 6.37
C ARG A 174 -19.76 -5.70 5.19
N ALA A 175 -18.46 -5.57 5.51
CA ALA A 175 -17.45 -5.42 4.46
C ALA A 175 -17.50 -6.67 3.55
N GLN A 176 -17.56 -7.82 4.18
CA GLN A 176 -17.58 -9.09 3.42
C GLN A 176 -18.85 -9.25 2.64
N THR A 177 -19.98 -8.82 3.22
CA THR A 177 -21.24 -8.82 2.50
C THR A 177 -21.15 -8.07 1.17
N LEU A 178 -20.59 -6.86 1.22
CA LEU A 178 -20.56 -5.99 0.03
C LEU A 178 -19.52 -6.46 -1.00
N LEU A 179 -18.39 -6.94 -0.49
CA LEU A 179 -17.34 -7.52 -1.30
CA LEU A 179 -17.32 -7.51 -1.32
C LEU A 179 -17.84 -8.68 -2.19
N TRP A 180 -18.58 -9.62 -1.58
CA TRP A 180 -19.05 -10.78 -2.30
C TRP A 180 -20.30 -10.52 -3.17
N GLN A 181 -21.13 -9.51 -2.82
CA GLN A 181 -22.15 -9.01 -3.76
C GLN A 181 -21.47 -8.44 -5.02
N LEU A 182 -20.38 -7.71 -4.79
CA LEU A 182 -19.63 -7.07 -5.86
C LEU A 182 -19.02 -8.13 -6.75
N ASP A 183 -18.41 -9.13 -6.14
CA ASP A 183 -17.83 -10.23 -6.92
C ASP A 183 -18.90 -10.90 -7.78
N ARG A 184 -20.09 -11.12 -7.20
CA ARG A 184 -21.16 -11.76 -7.95
C ARG A 184 -21.67 -10.92 -9.12
N ASP A 185 -22.05 -9.69 -8.85
CA ASP A 185 -22.74 -8.88 -9.88
C ASP A 185 -21.81 -8.03 -10.73
N GLY A 186 -20.57 -7.83 -10.25
CA GLY A 186 -19.64 -6.90 -10.90
C GLY A 186 -19.88 -5.41 -10.63
N VAL A 187 -20.94 -5.11 -9.89
CA VAL A 187 -21.35 -3.77 -9.55
C VAL A 187 -21.93 -3.75 -8.15
N LEU A 188 -21.93 -2.57 -7.54
CA LEU A 188 -22.74 -2.23 -6.36
C LEU A 188 -23.39 -0.89 -6.69
N THR A 189 -24.44 -0.48 -5.97
CA THR A 189 -24.90 0.90 -6.08
C THR A 189 -23.72 1.81 -5.70
N VAL A 190 -23.72 3.08 -6.15
CA VAL A 190 -22.64 3.96 -5.84
C VAL A 190 -22.56 4.12 -4.29
N ALA A 191 -23.72 4.23 -3.61
CA ALA A 191 -23.72 4.34 -2.14
C ALA A 191 -23.04 3.12 -1.51
N ASP A 192 -23.39 1.92 -1.96
CA ASP A 192 -22.83 0.71 -1.36
C ASP A 192 -21.34 0.58 -1.67
N GLY A 193 -20.92 0.98 -2.85
CA GLY A 193 -19.51 1.02 -3.16
C GLY A 193 -18.70 1.98 -2.31
N ALA A 194 -19.28 3.16 -2.07
CA ALA A 194 -18.68 4.16 -1.20
C ALA A 194 -18.61 3.59 0.22
N GLU A 195 -19.65 2.87 0.64
CA GLU A 195 -19.65 2.26 1.97
C GLU A 195 -18.58 1.21 2.05
N LEU A 196 -18.49 0.35 1.03
CA LEU A 196 -17.42 -0.70 1.02
C LEU A 196 -16.03 -0.11 1.13
N ILE A 197 -15.76 0.94 0.35
CA ILE A 197 -14.43 1.57 0.40
C ILE A 197 -14.13 2.03 1.84
N GLY A 198 -15.09 2.67 2.47
CA GLY A 198 -14.95 3.14 3.86
C GLY A 198 -14.58 2.01 4.82
N LEU A 199 -15.10 0.82 4.55
CA LEU A 199 -14.92 -0.32 5.45
C LEU A 199 -13.63 -1.00 5.14
N LEU A 200 -13.16 -0.87 3.90
CA LEU A 200 -11.91 -1.52 3.54
C LEU A 200 -10.68 -0.72 3.96
N VAL A 201 -10.80 0.60 3.94
CA VAL A 201 -9.64 1.44 4.21
C VAL A 201 -8.96 1.11 5.57
N PRO A 202 -9.74 0.87 6.63
CA PRO A 202 -9.11 0.50 7.90
C PRO A 202 -8.40 -0.84 7.96
N CYS A 203 -8.50 -1.68 6.92
CA CYS A 203 -7.72 -2.92 6.87
C CYS A 203 -6.25 -2.64 6.58
N PHE A 204 -5.98 -1.51 5.92
CA PHE A 204 -4.63 -1.11 5.54
C PHE A 204 -4.01 -0.26 6.64
N GLU A 205 -3.86 -0.93 7.78
CA GLU A 205 -3.41 -0.31 9.02
CA GLU A 205 -3.49 -0.31 9.06
C GLU A 205 -2.86 -1.38 9.98
N ARG A 206 -2.34 -0.94 11.13
CA ARG A 206 -1.81 -1.85 12.15
CA ARG A 206 -1.82 -1.86 12.13
C ARG A 206 -2.99 -2.45 12.90
N GLN A 207 -3.11 -3.78 12.87
CA GLN A 207 -4.21 -4.50 13.53
C GLN A 207 -3.87 -5.03 14.92
N HIS A 208 -2.59 -5.04 15.28
CA HIS A 208 -2.15 -5.40 16.62
C HIS A 208 -2.03 -4.16 17.52
N GLY A 209 -1.97 -4.37 18.84
CA GLY A 209 -1.84 -3.28 19.80
C GLY A 209 -0.42 -2.78 19.86
N VAL A 210 -0.23 -1.73 20.66
CA VAL A 210 1.07 -1.13 20.89
C VAL A 210 2.03 -2.23 21.33
N PRO A 211 3.13 -2.43 20.63
CA PRO A 211 4.08 -3.43 21.08
C PRO A 211 5.02 -2.96 22.19
N ARG A 212 5.61 -3.92 22.88
CA ARG A 212 6.61 -3.67 23.91
C ARG A 212 7.88 -3.17 23.26
N LEU A 213 8.50 -2.18 23.86
CA LEU A 213 9.69 -1.63 23.30
C LEU A 213 10.74 -2.72 23.18
N ALA A 214 10.84 -3.53 24.24
CA ALA A 214 11.79 -4.66 24.26
C ALA A 214 11.60 -5.63 23.11
N ASP A 215 10.35 -5.89 22.71
CA ASP A 215 10.11 -6.83 21.62
C ASP A 215 10.48 -6.20 20.28
N TYR A 216 10.15 -4.92 20.15
CA TYR A 216 10.52 -4.13 18.95
C TYR A 216 12.03 -4.23 18.74
N GLU A 217 12.77 -4.05 19.84
CA GLU A 217 14.22 -4.07 19.77
CA GLU A 217 14.22 -4.07 19.76
C GLU A 217 14.75 -5.47 19.48
N THR A 218 14.17 -6.49 20.09
CA THR A 218 14.54 -7.88 19.74
C THR A 218 14.38 -8.15 18.26
N LEU A 219 13.26 -7.70 17.70
CA LEU A 219 13.04 -7.87 16.26
C LEU A 219 14.08 -7.10 15.47
N LEU A 220 14.32 -5.87 15.91
CA LEU A 220 15.19 -5.00 15.13
C LEU A 220 16.62 -5.53 15.02
N ARG A 221 17.08 -6.26 16.03
CA ARG A 221 18.40 -6.83 15.97
C ARG A 221 18.58 -7.87 14.84
N GLU A 222 17.52 -8.51 14.40
CA GLU A 222 17.64 -9.53 13.36
C GLU A 222 16.99 -9.17 12.04
N SER A 223 16.04 -8.25 12.07
CA SER A 223 15.27 -7.90 10.89
C SER A 223 14.72 -6.48 10.99
N ALA A 224 15.20 -5.59 10.14
CA ALA A 224 14.62 -4.24 10.01
C ALA A 224 13.16 -4.33 9.50
N GLU A 225 12.90 -5.31 8.66
CA GLU A 225 11.59 -5.42 8.01
C GLU A 225 10.53 -5.80 9.02
N MSE A 226 10.83 -6.80 9.86
CA MSE A 226 9.85 -7.25 10.86
C MSE A 226 9.70 -6.18 11.96
O MSE A 226 8.61 -5.98 12.47
CB MSE A 226 10.28 -8.60 11.48
CG MSE A 226 9.33 -9.19 12.48
SE MSE A 226 7.46 -9.48 11.79
CE MSE A 226 6.50 -8.58 13.19
N ALA A 227 10.78 -5.46 12.30
CA ALA A 227 10.66 -4.34 13.23
C ALA A 227 9.67 -3.27 12.68
N TRP A 228 9.78 -2.97 11.40
CA TRP A 228 8.87 -2.02 10.73
C TRP A 228 7.42 -2.51 10.79
N ILE A 229 7.20 -3.77 10.49
CA ILE A 229 5.87 -4.36 10.60
C ILE A 229 5.33 -4.24 12.02
N ALA A 230 6.20 -4.42 13.00
CA ALA A 230 5.77 -4.27 14.37
C ALA A 230 5.17 -2.91 14.69
N THR A 231 5.66 -1.86 14.03
CA THR A 231 5.17 -0.53 14.34
C THR A 231 4.06 -0.12 13.38
N GLU A 232 4.17 -0.52 12.12
CA GLU A 232 3.21 -0.05 11.07
C GLU A 232 2.14 -1.07 10.64
N GLY A 233 2.32 -2.34 11.01
CA GLY A 233 1.37 -3.39 10.66
C GLY A 233 1.18 -3.52 9.15
N ASN A 234 -0.09 -3.56 8.73
CA ASN A 234 -0.43 -3.69 7.32
C ASN A 234 -0.64 -2.37 6.58
N ALA A 235 -0.25 -1.24 7.19
CA ALA A 235 -0.29 0.05 6.46
C ALA A 235 0.63 0.00 5.24
N PHE A 236 0.30 0.70 4.17
CA PHE A 236 1.19 0.79 3.00
CA PHE A 236 1.24 0.73 3.03
C PHE A 236 2.65 1.17 3.40
N ASN A 237 3.62 0.42 2.90
CA ASN A 237 5.03 0.67 3.10
C ASN A 237 5.48 1.81 2.16
N HIS A 238 4.89 1.85 0.96
CA HIS A 238 5.16 2.89 0.02
C HIS A 238 4.10 2.92 -1.06
N ALA A 239 3.98 4.09 -1.68
CA ALA A 239 3.24 4.25 -2.92
C ALA A 239 4.21 4.63 -4.00
N THR A 240 3.88 4.22 -5.23
CA THR A 240 4.76 4.41 -6.37
C THR A 240 4.06 5.09 -7.51
N ASP A 241 4.79 5.98 -8.16
CA ASP A 241 4.24 6.93 -9.14
C ASP A 241 4.96 6.58 -10.43
N ARG A 242 4.18 6.29 -11.47
CA ARG A 242 4.74 5.87 -12.75
C ARG A 242 5.04 7.10 -13.60
N VAL A 243 6.33 7.31 -13.88
CA VAL A 243 6.81 8.52 -14.56
C VAL A 243 7.56 8.13 -15.81
N ASP A 244 7.75 9.10 -16.71
CA ASP A 244 8.42 8.87 -17.98
C ASP A 244 9.88 8.57 -17.81
N ASP A 245 10.52 9.19 -16.83
CA ASP A 245 11.96 9.09 -16.69
C ASP A 245 12.45 9.26 -15.26
N VAL A 246 12.74 8.16 -14.59
CA VAL A 246 13.11 8.26 -13.19
C VAL A 246 14.46 8.92 -13.04
N PHE A 247 15.34 8.80 -14.04
CA PHE A 247 16.71 9.33 -13.92
C PHE A 247 16.68 10.84 -13.88
N GLY A 248 16.04 11.40 -14.89
CA GLY A 248 15.82 12.86 -14.97
C GLY A 248 15.11 13.38 -13.71
N LEU A 249 14.07 12.68 -13.28
CA LEU A 249 13.28 13.14 -12.15
CA LEU A 249 13.29 13.14 -12.13
C LEU A 249 14.12 13.11 -10.86
N SER A 250 14.85 12.04 -10.62
CA SER A 250 15.68 11.96 -9.43
C SER A 250 16.66 13.13 -9.37
N GLU A 251 17.28 13.43 -10.50
CA GLU A 251 18.22 14.55 -10.55
C GLU A 251 17.52 15.87 -10.25
N GLN A 252 16.32 16.05 -10.79
CA GLN A 252 15.59 17.28 -10.49
C GLN A 252 15.30 17.40 -8.99
N GLN A 253 14.80 16.32 -8.39
CA GLN A 253 14.40 16.30 -7.00
C GLN A 253 15.61 16.54 -6.09
N MLY A 254 16.74 15.94 -6.43
CA MLY A 254 17.96 16.16 -5.67
CB MLY A 254 19.10 15.27 -6.16
CG MLY A 254 18.94 13.75 -5.94
CD MLY A 254 20.02 13.05 -6.78
CE MLY A 254 20.08 11.53 -6.60
NZ MLY A 254 21.03 10.96 -7.64
CH1 MLY A 254 22.40 11.42 -7.34
CH2 MLY A 254 20.97 9.49 -7.61
C MLY A 254 18.40 17.62 -5.79
O MLY A 254 18.83 18.20 -4.84
N ALA A 255 18.34 18.18 -6.99
CA ALA A 255 18.74 19.58 -7.20
C ALA A 255 17.87 20.54 -6.37
N LEU A 256 16.62 20.18 -6.11
CA LEU A 256 15.74 20.92 -5.21
C LEU A 256 16.06 20.71 -3.71
N GLY A 257 17.00 19.83 -3.38
CA GLY A 257 17.36 19.57 -1.99
C GLY A 257 16.50 18.53 -1.30
N ARG A 258 15.72 17.79 -2.08
CA ARG A 258 14.88 16.76 -1.51
C ARG A 258 15.63 15.43 -1.38
N PRO A 259 15.21 14.61 -0.40
CA PRO A 259 16.02 13.43 -0.05
C PRO A 259 15.76 12.16 -0.88
N MSE A 260 16.24 12.18 -2.11
CA MSE A 260 16.19 11.05 -2.97
C MSE A 260 17.24 10.08 -2.46
O MSE A 260 18.29 10.49 -2.01
CB MSE A 260 16.58 11.44 -4.38
CG MSE A 260 15.56 12.27 -5.03
SE MSE A 260 13.86 11.34 -5.35
CE MSE A 260 14.62 9.78 -6.00
N MLY A 261 16.94 8.79 -2.58
CA MLY A 261 17.97 7.80 -2.43
CB MLY A 261 17.36 6.41 -2.35
CG MLY A 261 16.50 6.21 -1.14
CD MLY A 261 15.73 4.86 -1.19
CE MLY A 261 14.75 4.74 -0.02
NZ MLY A 261 14.22 3.32 0.26
CH1 MLY A 261 13.08 3.49 1.14
CH2 MLY A 261 13.74 2.59 -0.95
C MLY A 261 18.89 7.90 -3.61
O MLY A 261 18.58 8.51 -4.61
N ASP A 262 20.06 7.31 -3.45
CA ASP A 262 21.07 7.38 -4.49
C ASP A 262 20.90 6.26 -5.51
N MLY A 263 20.46 5.08 -5.05
CA MLY A 263 20.31 3.92 -5.91
CB MLY A 263 20.30 2.65 -5.05
C MLY A 263 19.00 3.99 -6.73
O MLY A 263 17.92 4.21 -6.17
N VAL A 264 19.14 3.86 -8.06
CA VAL A 264 18.04 3.46 -8.96
C VAL A 264 18.11 1.97 -9.19
N GLU A 265 17.08 1.23 -8.79
CA GLU A 265 16.98 -0.21 -8.95
C GLU A 265 16.44 -0.52 -10.34
N VAL A 266 17.20 -1.30 -11.12
CA VAL A 266 16.83 -1.67 -12.50
C VAL A 266 16.65 -3.19 -12.55
N SER A 267 15.53 -3.65 -13.08
CA SER A 267 15.30 -5.09 -13.29
C SER A 267 16.39 -5.68 -14.23
N GLY A 268 16.49 -7.00 -14.19
CA GLY A 268 17.45 -7.70 -15.00
C GLY A 268 17.29 -7.35 -16.47
N SER A 269 16.05 -7.24 -16.91
CA SER A 269 15.69 -6.96 -18.30
C SER A 269 16.01 -5.53 -18.69
N GLY A 270 16.07 -4.65 -17.69
CA GLY A 270 16.25 -3.22 -17.94
C GLY A 270 14.95 -2.46 -18.13
N ARG A 271 13.80 -3.14 -18.15
CA ARG A 271 12.54 -2.47 -18.51
C ARG A 271 11.86 -1.80 -17.31
N VAL A 272 12.23 -2.18 -16.09
CA VAL A 272 11.56 -1.62 -14.88
C VAL A 272 12.61 -0.97 -14.00
N MLY A 273 12.45 0.32 -13.79
CA MLY A 273 13.44 1.12 -13.07
CB MLY A 273 14.14 2.08 -14.03
CG MLY A 273 14.78 1.39 -15.23
CD MLY A 273 15.42 2.36 -16.19
CE MLY A 273 15.52 1.85 -17.61
NZ MLY A 273 14.48 2.19 -18.62
CH1 MLY A 273 14.20 3.63 -18.72
CH2 MLY A 273 15.04 1.74 -19.92
C MLY A 273 12.72 1.88 -11.97
O MLY A 273 11.73 2.57 -12.24
N GLN A 274 13.25 1.77 -10.75
CA GLN A 274 12.62 2.31 -9.56
C GLN A 274 13.61 3.16 -8.76
N THR A 275 13.17 4.30 -8.26
CA THR A 275 13.93 5.03 -7.25
C THR A 275 12.96 5.71 -6.31
N ALA A 276 13.42 6.04 -5.10
CA ALA A 276 12.50 6.58 -4.10
C ALA A 276 13.07 7.73 -3.31
N PHE A 277 12.19 8.51 -2.72
CA PHE A 277 12.57 9.30 -1.55
C PHE A 277 12.81 8.36 -0.38
N ARG A 278 13.71 8.77 0.52
CA ARG A 278 13.86 8.04 1.78
CA ARG A 278 13.87 8.15 1.84
C ARG A 278 12.55 8.17 2.56
N ALA A 279 12.36 7.22 3.46
CA ALA A 279 11.17 7.18 4.30
C ALA A 279 11.20 8.28 5.32
N ASP A 280 10.05 8.87 5.52
CA ASP A 280 9.87 9.90 6.51
C ASP A 280 9.74 9.24 7.89
N THR A 281 10.39 9.81 8.91
CA THR A 281 10.36 9.29 10.24
C THR A 281 9.01 9.57 10.88
N VAL A 282 8.51 8.64 11.70
CA VAL A 282 7.20 8.81 12.36
C VAL A 282 7.34 8.54 13.84
N ARG A 283 6.44 9.11 14.62
CA ARG A 283 6.47 8.96 16.05
C ARG A 283 5.47 7.84 16.40
N ARG A 284 5.93 6.88 17.19
CA ARG A 284 5.16 5.71 17.54
C ARG A 284 5.27 5.42 19.02
N GLN A 285 4.21 4.77 19.53
CA GLN A 285 4.17 4.38 20.91
C GLN A 285 4.62 2.93 21.11
N PHE A 286 5.20 2.69 22.26
CA PHE A 286 5.64 1.40 22.70
C PHE A 286 5.38 1.21 24.20
N ILE A 287 5.36 -0.03 24.64
CA ILE A 287 5.18 -0.34 26.05
C ILE A 287 6.54 -0.55 26.66
N GLY A 288 6.79 0.25 27.69
CA GLY A 288 8.06 0.22 28.40
C GLY A 288 8.20 -0.90 29.42
N ALA A 289 9.38 -1.00 30.02
CA ALA A 289 9.70 -2.11 30.92
C ALA A 289 8.76 -2.19 32.13
N GLN A 290 8.14 -1.09 32.53
CA GLN A 290 7.23 -1.14 33.67
C GLN A 290 5.81 -0.94 33.22
N GLY A 291 5.51 -1.29 31.98
CA GLY A 291 4.16 -1.13 31.45
C GLY A 291 3.75 0.27 31.02
N GLU A 292 4.62 1.26 31.23
CA GLU A 292 4.36 2.64 30.74
C GLU A 292 4.41 2.79 29.21
N THR A 293 3.73 3.81 28.68
CA THR A 293 3.77 4.12 27.26
C THR A 293 4.92 5.05 27.02
N VAL A 294 5.82 4.65 26.13
CA VAL A 294 6.96 5.50 25.74
C VAL A 294 6.87 5.72 24.22
N GLU A 295 7.62 6.67 23.70
CA GLU A 295 7.53 6.98 22.29
C GLU A 295 8.89 6.92 21.68
N ARG A 296 8.96 6.56 20.41
CA ARG A 296 10.21 6.61 19.67
C ARG A 296 9.90 7.06 18.25
N ASP A 297 10.92 7.61 17.61
CA ASP A 297 10.87 8.01 16.21
C ASP A 297 11.41 6.87 15.38
N VAL A 298 10.60 6.37 14.44
CA VAL A 298 11.02 5.16 13.72
C VAL A 298 10.73 5.41 12.23
N PRO A 299 11.29 4.60 11.32
CA PRO A 299 11.02 4.81 9.90
C PRO A 299 9.57 4.54 9.59
N GLY A 300 8.98 5.42 8.78
CA GLY A 300 7.61 5.29 8.37
C GLY A 300 7.63 4.75 6.94
N SER A 301 6.82 5.34 6.13
CA SER A 301 6.65 4.92 4.73
C SER A 301 7.30 5.91 3.78
N PHE A 302 7.30 5.59 2.48
CA PHE A 302 8.00 6.40 1.47
C PHE A 302 7.22 6.50 0.16
N TYR A 303 7.64 7.45 -0.66
CA TYR A 303 7.07 7.71 -2.00
C TYR A 303 8.14 7.36 -3.01
N GLU A 304 7.74 6.56 -3.98
CA GLU A 304 8.65 5.95 -4.92
C GLU A 304 8.23 6.27 -6.36
N PHE A 305 9.21 6.26 -7.25
CA PHE A 305 9.00 6.50 -8.65
C PHE A 305 9.41 5.26 -9.46
N ILE A 306 8.70 5.05 -10.57
CA ILE A 306 8.98 3.89 -11.41
C ILE A 306 8.80 4.30 -12.85
N THR A 307 9.66 3.78 -13.71
CA THR A 307 9.45 3.84 -15.15
CA THR A 307 9.41 3.84 -15.15
C THR A 307 9.32 2.39 -15.69
N ARG A 308 8.33 2.16 -16.53
CA ARG A 308 8.08 0.82 -17.06
C ARG A 308 8.10 0.95 -18.57
N ASP A 309 9.05 0.30 -19.20
CA ASP A 309 9.13 0.29 -20.63
C ASP A 309 7.92 -0.44 -21.21
N ARG A 310 7.51 0.00 -22.40
CA ARG A 310 6.43 -0.68 -23.14
C ARG A 310 7.03 -1.73 -24.06
N PHE A 311 6.32 -2.85 -24.27
CA PHE A 311 6.73 -3.83 -25.27
C PHE A 311 6.28 -3.33 -26.66
N ARG A 320 2.12 -2.94 -24.99
CA ARG A 320 1.87 -3.02 -23.55
C ARG A 320 3.11 -2.76 -22.64
N VAL A 321 2.82 -2.48 -21.37
CA VAL A 321 3.78 -2.05 -20.37
C VAL A 321 4.31 -3.29 -19.59
N ASP A 322 5.59 -3.31 -19.25
CA ASP A 322 6.12 -4.39 -18.41
C ASP A 322 5.66 -4.14 -16.95
N LEU A 323 4.78 -5.00 -16.44
CA LEU A 323 4.18 -4.84 -15.13
C LEU A 323 4.96 -5.62 -14.05
N GLY A 324 6.14 -6.12 -14.39
CA GLY A 324 6.85 -6.99 -13.47
C GLY A 324 7.52 -6.21 -12.35
N PHE A 325 7.95 -6.94 -11.35
CA PHE A 325 8.79 -6.42 -10.27
C PHE A 325 10.09 -7.21 -10.19
N ASP A 326 10.46 -7.84 -11.31
CA ASP A 326 11.63 -8.70 -11.44
C ASP A 326 12.83 -8.17 -10.63
N ALA A 327 13.55 -9.13 -10.03
CA ALA A 327 14.87 -8.88 -9.47
C ALA A 327 15.89 -8.41 -10.53
N GLY A 328 17.00 -7.85 -10.03
CA GLY A 328 18.15 -7.43 -10.86
C GLY A 328 19.47 -7.41 -10.10
O1 P6G B . -12.50 -11.37 -14.26
C2 P6G B . -12.29 -11.99 -12.98
C3 P6G B . -11.07 -11.39 -12.27
O4 P6G B . -10.34 -12.46 -11.67
C5 P6G B . -11.29 -13.05 -10.78
C6 P6G B . -11.72 -11.95 -9.83
O7 P6G B . -12.94 -12.39 -9.28
C8 P6G B . -12.58 -12.76 -7.97
C9 P6G B . -12.11 -14.18 -7.90
O10 P6G B . -12.47 -14.56 -6.57
C11 P6G B . -12.18 -15.93 -6.34
C12 P6G B . -12.77 -16.71 -7.51
O13 P6G B . -11.70 -17.40 -8.12
C14 P6G B . -11.65 -18.72 -7.61
C15 P6G B . -12.60 -19.52 -8.47
O16 P6G B . -12.58 -18.90 -9.74
C17 P6G B . -12.71 -19.89 -10.77
C18 P6G B . -11.35 -20.10 -11.41
O19 P6G B . -11.40 -21.07 -12.45
C1 PGE C . 19.66 -1.19 18.42
O1 PGE C . 19.65 -2.50 17.84
C2 PGE C . 18.49 -1.08 19.38
O2 PGE C . 18.82 -0.14 20.42
C3 PGE C . 17.98 -0.24 21.57
C4 PGE C . 18.88 -0.33 22.78
O4 PGE C . 21.08 -3.27 24.64
C6 PGE C . 19.69 -3.04 24.43
C5 PGE C . 19.24 -1.62 24.73
O3 PGE C . 18.32 -1.23 23.73
C1 PGE D . -21.85 -10.95 -14.42
O1 PGE D . -22.77 -10.44 -15.41
C2 PGE D . -20.78 -9.91 -14.13
O2 PGE D . -19.86 -10.42 -13.16
C3 PGE D . -18.49 -10.22 -13.48
C4 PGE D . -18.14 -8.75 -13.39
O4 PGE D . -16.49 -6.56 -17.12
C6 PGE D . -16.16 -7.56 -16.14
C5 PGE D . -16.88 -7.29 -14.85
O3 PGE D . -16.90 -8.47 -14.06
C1 PGE E . 8.82 -22.18 5.86
O1 PGE E . 7.45 -22.58 5.80
C2 PGE E . 8.84 -20.68 5.71
O2 PGE E . 8.53 -20.39 4.35
C3 PGE E . 9.51 -19.57 3.72
C4 PGE E . 9.19 -19.43 2.24
O3 PGE E . 10.43 -19.51 1.53
C1 PGE F . -30.04 -1.73 -7.66
O1 PGE F . -30.41 -0.90 -8.76
C2 PGE F . -28.65 -2.27 -7.98
O2 PGE F . -28.43 -3.62 -7.57
C3 PGE F . -27.17 -4.14 -8.03
C4 PGE F . -27.27 -5.61 -8.41
O4 PGE F . -29.05 -6.02 -12.40
C6 PGE F . -27.78 -6.42 -11.86
C5 PGE F . -27.84 -6.89 -10.41
O3 PGE F . -28.19 -5.85 -9.48
C1 PGE G . 22.31 -4.97 12.33
O1 PGE G . 23.32 -4.00 12.64
C2 PGE G . 20.97 -4.47 12.86
O2 PGE G . 19.95 -5.43 12.64
C3 PGE G . 19.03 -5.08 11.60
C4 PGE G . 19.41 -5.87 10.37
O4 PGE G . 21.52 -9.05 11.47
C6 PGE G . 21.62 -8.74 10.07
C5 PGE G . 20.52 -7.79 9.62
O3 PGE G . 20.09 -7.04 10.76
#